data_4EPJ
#
_entry.id   4EPJ
#
_cell.length_a   51.001
_cell.length_b   58.816
_cell.length_c   61.794
_cell.angle_alpha   90.000
_cell.angle_beta   90.000
_cell.angle_gamma   90.000
#
_symmetry.space_group_name_H-M   'P 21 21 21'
#
loop_
_entity.id
_entity.type
_entity.pdbx_description
1 polymer 'protease, tethered dimer'
2 polymer 'substrate p2-NC'
3 non-polymer GLYCEROL
4 non-polymer 1,2-ETHANEDIOL
5 non-polymer 'DIMETHYL SULFOXIDE'
6 non-polymer 'ACETATE ION'
7 non-polymer BETA-MERCAPTOETHANOL
8 water water
#
loop_
_entity_poly.entity_id
_entity_poly.type
_entity_poly.pdbx_seq_one_letter_code
_entity_poly.pdbx_strand_id
1 'polypeptide(L)'
;PQITLWKRPLVTIRIGGQLKEALLNTGADDTVLEEMNLPGKWKPKMIGGIGGFIKVRQYDQIPVEILGHKAIGTVLVGPT
PVNIIGRNLLTQIGMTLNFGGSSGPQITLWKRPLVTIRIGGQLKEALLNTGADDTVLEEMNLPGKWKPKMIGGIGGFIKV
RQYDQIPVEILGHKAIGTVLVGPTPVNIIGRNLLTQIGMTLNF
;
A
2 'polypeptide(L)' ATIMMQRG D
#
loop_
_chem_comp.id
_chem_comp.type
_chem_comp.name
_chem_comp.formula
ACT non-polymer 'ACETATE ION' 'C2 H3 O2 -1'
BME non-polymer BETA-MERCAPTOETHANOL 'C2 H6 O S'
DMS non-polymer 'DIMETHYL SULFOXIDE' 'C2 H6 O S'
EDO non-polymer 1,2-ETHANEDIOL 'C2 H6 O2'
GOL non-polymer GLYCEROL 'C3 H8 O3'
#
# COMPACT_ATOMS: atom_id res chain seq x y z
N PRO A 1 4.82 17.79 -9.39
CA PRO A 1 4.42 17.93 -8.00
C PRO A 1 4.79 16.69 -7.20
N GLN A 2 5.08 16.91 -5.93
CA GLN A 2 5.81 15.96 -5.10
C GLN A 2 5.10 15.80 -3.78
N ILE A 3 4.81 14.56 -3.42
CA ILE A 3 4.09 14.22 -2.19
C ILE A 3 5.08 13.48 -1.27
N THR A 4 5.31 14.01 -0.09
CA THR A 4 6.19 13.33 0.86
C THR A 4 5.37 12.37 1.68
N LEU A 5 6.04 11.56 2.49
CA LEU A 5 5.34 10.46 3.14
C LEU A 5 5.31 10.52 4.66
N TRP A 6 5.58 11.69 5.23
CA TRP A 6 5.46 11.84 6.68
C TRP A 6 4.02 11.64 7.14
N LYS A 7 3.06 12.00 6.31
CA LYS A 7 1.65 11.66 6.57
C LYS A 7 1.11 10.66 5.53
N ARG A 8 -0.04 10.05 5.82
CA ARG A 8 -0.73 9.22 4.82
C ARG A 8 -1.00 10.06 3.57
N PRO A 9 -0.67 9.53 2.37
CA PRO A 9 -0.89 10.29 1.14
C PRO A 9 -2.33 10.18 0.68
N LEU A 10 -3.19 10.89 1.40
CA LEU A 10 -4.61 10.96 1.13
C LEU A 10 -4.88 12.11 0.19
N VAL A 11 -5.73 11.86 -0.78
CA VAL A 11 -6.13 12.85 -1.76
C VAL A 11 -7.63 12.73 -2.00
N THR A 12 -8.22 13.83 -2.45
CA THR A 12 -9.60 13.85 -2.91
C THR A 12 -9.69 13.35 -4.34
N ILE A 13 -10.60 12.41 -4.58
CA ILE A 13 -10.90 11.93 -5.93
C ILE A 13 -12.34 12.26 -6.27
N ARG A 14 -12.68 12.20 -7.56
CA ARG A 14 -14.05 12.36 -8.01
C ARG A 14 -14.43 11.13 -8.82
N ILE A 15 -15.54 10.48 -8.46
CA ILE A 15 -15.94 9.18 -9.05
C ILE A 15 -17.47 9.03 -9.02
N GLY A 16 -18.05 8.62 -10.16
CA GLY A 16 -19.51 8.52 -10.30
C GLY A 16 -20.25 9.82 -9.97
N GLY A 17 -19.54 10.94 -10.12
CA GLY A 17 -20.01 12.26 -9.75
C GLY A 17 -19.83 12.74 -8.31
N GLN A 18 -19.21 11.93 -7.44
CA GLN A 18 -19.06 12.26 -6.01
C GLN A 18 -17.60 12.43 -5.59
N LEU A 19 -17.34 13.27 -4.58
CA LEU A 19 -16.00 13.40 -3.99
C LEU A 19 -15.76 12.39 -2.86
N LYS A 20 -14.54 11.86 -2.82
CA LYS A 20 -14.10 10.95 -1.79
C LYS A 20 -12.63 11.14 -1.50
N GLU A 21 -12.23 10.74 -0.30
CA GLU A 21 -10.85 10.72 0.10
C GLU A 21 -10.30 9.31 -0.12
N ALA A 22 -9.12 9.24 -0.70
CA ALA A 22 -8.50 7.93 -0.96
C ALA A 22 -7.00 8.01 -0.78
N LEU A 23 -6.43 6.87 -0.45
CA LEU A 23 -5.01 6.74 -0.17
C LEU A 23 -4.27 6.29 -1.42
N LEU A 24 -3.24 7.06 -1.80
CA LEU A 24 -2.33 6.68 -2.90
C LEU A 24 -1.45 5.52 -2.46
N ASN A 25 -1.69 4.34 -3.02
CA ASN A 25 -1.17 3.14 -2.46
C ASN A 25 -0.36 2.32 -3.46
N THR A 26 0.96 2.50 -3.40
CA THR A 26 1.90 1.74 -4.24
C THR A 26 1.90 0.22 -3.90
N GLY A 27 1.40 -0.13 -2.71
CA GLY A 27 1.29 -1.52 -2.29
C GLY A 27 0.05 -2.25 -2.73
N ALA A 28 -0.82 -1.58 -3.49
CA ALA A 28 -2.02 -2.21 -4.04
C ALA A 28 -1.92 -2.33 -5.56
N ASP A 29 -2.21 -3.50 -6.09
CA ASP A 29 -2.24 -3.67 -7.53
C ASP A 29 -3.47 -2.95 -8.12
N ASP A 30 -4.55 -2.97 -7.36
CA ASP A 30 -5.87 -2.54 -7.81
C ASP A 30 -6.40 -1.45 -6.91
N THR A 31 -7.40 -0.76 -7.43
CA THR A 31 -8.13 0.27 -6.70
C THR A 31 -9.38 -0.34 -6.04
N VAL A 32 -9.53 -0.09 -4.74
CA VAL A 32 -10.58 -0.64 -3.91
C VAL A 32 -11.24 0.48 -3.10
N LEU A 33 -12.53 0.70 -3.33
CA LEU A 33 -13.29 1.69 -2.58
C LEU A 33 -14.29 1.06 -1.65
N GLU A 34 -14.55 1.77 -0.56
CA GLU A 34 -15.57 1.41 0.40
C GLU A 34 -16.92 1.30 -0.29
N GLU A 35 -17.83 0.57 0.35
CA GLU A 35 -19.13 0.27 -0.20
C GLU A 35 -19.78 1.54 -0.75
N MET A 36 -20.26 1.46 -1.98
CA MET A 36 -20.88 2.59 -2.65
C MET A 36 -21.62 2.04 -3.86
N ASN A 37 -22.46 2.88 -4.45
CA ASN A 37 -23.15 2.51 -5.67
C ASN A 37 -22.37 3.07 -6.87
N LEU A 38 -22.18 2.23 -7.86
CA LEU A 38 -21.64 2.68 -9.13
C LEU A 38 -22.53 2.19 -10.25
N PRO A 39 -22.67 2.99 -11.31
CA PRO A 39 -23.51 2.51 -12.38
C PRO A 39 -22.89 1.39 -13.20
N GLY A 40 -23.75 0.57 -13.81
CA GLY A 40 -23.30 -0.41 -14.79
C GLY A 40 -23.21 -1.83 -14.25
N LYS A 41 -22.78 -2.74 -15.12
CA LYS A 41 -22.67 -4.15 -14.77
C LYS A 41 -21.42 -4.31 -13.94
N TRP A 42 -21.43 -5.32 -13.08
CA TRP A 42 -20.25 -5.68 -12.31
C TRP A 42 -20.14 -7.19 -12.25
N LYS A 43 -18.94 -7.67 -11.93
CA LYS A 43 -18.68 -9.09 -11.74
C LYS A 43 -18.13 -9.28 -10.33
N PRO A 44 -18.53 -10.38 -9.66
CA PRO A 44 -17.91 -10.68 -8.38
C PRO A 44 -16.45 -11.13 -8.52
N LYS A 45 -15.62 -10.68 -7.57
CA LYS A 45 -14.21 -11.04 -7.56
C LYS A 45 -13.77 -11.17 -6.11
N MET A 46 -12.60 -11.75 -5.89
CA MET A 46 -12.00 -11.82 -4.57
C MET A 46 -10.62 -11.21 -4.64
N ILE A 47 -10.23 -10.47 -3.61
CA ILE A 47 -8.87 -9.96 -3.52
C ILE A 47 -8.31 -10.20 -2.12
N GLY A 48 -6.99 -10.12 -1.98
CA GLY A 48 -6.34 -10.37 -0.70
C GLY A 48 -5.55 -9.19 -0.20
N GLY A 49 -5.33 -9.18 1.11
CA GLY A 49 -4.56 -8.15 1.75
C GLY A 49 -3.86 -8.76 2.94
N ILE A 50 -3.45 -7.91 3.87
CA ILE A 50 -2.61 -8.36 4.94
C ILE A 50 -3.33 -9.29 5.90
N GLY A 51 -4.64 -9.09 6.06
CA GLY A 51 -5.45 -9.97 6.92
C GLY A 51 -6.27 -11.08 6.27
N GLY A 52 -6.19 -11.23 4.96
CA GLY A 52 -6.83 -12.33 4.25
C GLY A 52 -7.57 -11.79 3.04
N PHE A 53 -8.58 -12.54 2.63
CA PHE A 53 -9.30 -12.25 1.38
C PHE A 53 -10.68 -11.65 1.67
N ILE A 54 -11.14 -10.79 0.76
CA ILE A 54 -12.51 -10.23 0.81
C ILE A 54 -13.17 -10.36 -0.56
N LYS A 55 -14.50 -10.41 -0.56
CA LYS A 55 -15.32 -10.35 -1.77
C LYS A 55 -15.60 -8.90 -2.16
N VAL A 56 -15.46 -8.61 -3.46
CA VAL A 56 -15.68 -7.25 -3.99
C VAL A 56 -16.52 -7.31 -5.26
N ARG A 57 -17.08 -6.17 -5.66
CA ARG A 57 -17.73 -5.99 -6.96
C ARG A 57 -16.76 -5.30 -7.88
N GLN A 58 -16.49 -5.89 -9.03
CA GLN A 58 -15.57 -5.31 -10.01
C GLN A 58 -16.35 -4.55 -11.08
N TYR A 59 -16.07 -3.25 -11.17
CA TYR A 59 -16.61 -2.39 -12.21
C TYR A 59 -15.48 -2.02 -13.15
N ASP A 60 -15.69 -2.25 -14.45
CA ASP A 60 -14.65 -1.95 -15.43
C ASP A 60 -14.86 -0.60 -16.10
N GLN A 61 -13.74 -0.02 -16.53
N GLN A 61 -13.77 0.01 -16.56
CA GLN A 61 -13.71 1.22 -17.33
CA GLN A 61 -13.84 1.22 -17.37
C GLN A 61 -14.50 2.37 -16.70
C GLN A 61 -14.56 2.38 -16.69
N ILE A 62 -14.21 2.63 -15.42
CA ILE A 62 -14.83 3.66 -14.65
C ILE A 62 -13.95 4.91 -14.63
N PRO A 63 -14.50 6.05 -15.01
CA PRO A 63 -13.73 7.31 -14.91
C PRO A 63 -13.53 7.78 -13.45
N VAL A 64 -12.29 8.14 -13.12
CA VAL A 64 -11.90 8.62 -11.79
C VAL A 64 -10.94 9.78 -11.95
N GLU A 65 -11.21 10.91 -11.30
CA GLU A 65 -10.32 12.08 -11.36
C GLU A 65 -9.48 12.17 -10.08
N ILE A 66 -8.15 12.19 -10.21
CA ILE A 66 -7.22 12.12 -9.08
C ILE A 66 -6.21 13.24 -9.20
N LEU A 67 -6.13 14.12 -8.21
CA LEU A 67 -5.18 15.24 -8.29
C LEU A 67 -5.30 15.98 -9.62
N GLY A 68 -6.53 16.13 -10.11
CA GLY A 68 -6.78 16.78 -11.38
C GLY A 68 -6.37 16.00 -12.62
N HIS A 69 -6.16 14.69 -12.50
CA HIS A 69 -5.77 13.86 -13.62
C HIS A 69 -6.84 12.83 -13.86
N LYS A 70 -7.15 12.59 -15.11
CA LYS A 70 -8.20 11.64 -15.45
C LYS A 70 -7.65 10.24 -15.61
N ALA A 71 -8.25 9.30 -14.91
CA ALA A 71 -8.03 7.91 -15.19
C ALA A 71 -9.35 7.28 -15.59
N ILE A 72 -9.25 6.18 -16.34
N ILE A 72 -9.29 6.19 -16.34
CA ILE A 72 -10.41 5.36 -16.68
CA ILE A 72 -10.48 5.38 -16.54
C ILE A 72 -9.96 3.91 -16.55
C ILE A 72 -10.03 3.94 -16.57
N GLY A 73 -10.50 3.20 -15.57
CA GLY A 73 -10.08 1.85 -15.33
C GLY A 73 -10.94 1.12 -14.34
N THR A 74 -10.43 -0.01 -13.89
CA THR A 74 -11.16 -0.93 -13.02
C THR A 74 -11.20 -0.43 -11.60
N VAL A 75 -12.40 -0.39 -11.04
CA VAL A 75 -12.62 0.01 -9.65
C VAL A 75 -13.33 -1.15 -8.95
N LEU A 76 -12.74 -1.61 -7.85
CA LEU A 76 -13.33 -2.65 -7.02
C LEU A 76 -14.03 -1.96 -5.82
N VAL A 77 -15.17 -2.49 -5.44
CA VAL A 77 -15.98 -1.94 -4.36
C VAL A 77 -16.23 -3.05 -3.36
N GLY A 78 -15.94 -2.77 -2.09
CA GLY A 78 -16.15 -3.76 -1.04
C GLY A 78 -15.68 -3.31 0.31
N PRO A 79 -15.59 -4.24 1.28
CA PRO A 79 -15.31 -3.89 2.67
C PRO A 79 -13.84 -3.60 2.97
N THR A 80 -13.25 -2.68 2.21
CA THR A 80 -11.93 -2.18 2.54
C THR A 80 -12.06 -1.16 3.67
N PRO A 81 -11.11 -1.15 4.61
CA PRO A 81 -11.09 -0.13 5.69
C PRO A 81 -10.85 1.29 5.23
N VAL A 82 -10.18 1.46 4.09
N VAL A 82 -10.18 1.48 4.10
CA VAL A 82 -9.76 2.75 3.57
CA VAL A 82 -9.96 2.79 3.58
C VAL A 82 -9.93 2.71 2.05
C VAL A 82 -9.99 2.72 2.07
N ASN A 83 -10.42 3.81 1.45
CA ASN A 83 -10.39 3.90 -0.02
C ASN A 83 -8.96 3.94 -0.48
N ILE A 84 -8.61 3.08 -1.42
N ILE A 84 -8.67 3.15 -1.50
CA ILE A 84 -7.22 3.03 -1.89
CA ILE A 84 -7.32 2.84 -1.94
C ILE A 84 -7.15 3.11 -3.40
C ILE A 84 -7.16 3.08 -3.43
N ILE A 85 -6.25 3.96 -3.86
CA ILE A 85 -5.89 4.08 -5.27
C ILE A 85 -4.64 3.24 -5.52
N GLY A 86 -4.82 2.14 -6.25
CA GLY A 86 -3.73 1.22 -6.57
C GLY A 86 -3.04 1.51 -7.87
N ARG A 87 -2.09 0.63 -8.19
CA ARG A 87 -1.20 0.88 -9.33
C ARG A 87 -1.92 0.97 -10.67
N ASN A 88 -3.02 0.25 -10.82
CA ASN A 88 -3.81 0.32 -12.09
C ASN A 88 -4.16 1.77 -12.46
N LEU A 89 -4.48 2.62 -11.48
CA LEU A 89 -4.79 4.03 -11.73
C LEU A 89 -3.62 4.94 -11.49
N LEU A 90 -2.71 4.58 -10.58
CA LEU A 90 -1.53 5.42 -10.36
C LEU A 90 -0.68 5.53 -11.63
N THR A 91 -0.58 4.44 -12.38
CA THR A 91 0.17 4.45 -13.65
C THR A 91 -0.50 5.39 -14.67
N GLN A 92 -1.82 5.41 -14.67
CA GLN A 92 -2.58 6.19 -15.65
C GLN A 92 -2.38 7.66 -15.45
N ILE A 93 -2.20 8.05 -14.19
CA ILE A 93 -1.96 9.44 -13.86
C ILE A 93 -0.47 9.85 -13.85
N GLY A 94 0.41 8.91 -14.16
CA GLY A 94 1.83 9.18 -14.32
C GLY A 94 2.61 9.28 -13.02
N MET A 95 2.11 8.64 -11.97
CA MET A 95 2.78 8.65 -10.68
C MET A 95 3.98 7.68 -10.61
N THR A 96 5.04 8.14 -9.97
CA THR A 96 6.25 7.35 -9.75
C THR A 96 6.71 7.51 -8.32
N LEU A 97 7.55 6.59 -7.87
CA LEU A 97 8.29 6.74 -6.61
C LEU A 97 9.67 7.31 -6.91
N ASN A 98 10.13 8.22 -6.07
CA ASN A 98 11.42 8.81 -6.28
C ASN A 98 12.19 8.95 -4.99
N PHE A 99 13.51 8.87 -5.08
CA PHE A 99 14.33 9.16 -3.93
C PHE A 99 15.63 9.83 -4.40
N PRO A 105 17.19 8.21 -7.87
CA PRO A 105 16.59 7.25 -8.81
C PRO A 105 15.05 7.33 -8.84
N GLN A 106 14.47 6.79 -9.91
CA GLN A 106 13.02 6.81 -10.05
C GLN A 106 12.51 5.39 -10.22
N ILE A 107 11.39 5.09 -9.58
CA ILE A 107 10.79 3.77 -9.64
C ILE A 107 9.36 3.90 -10.22
N THR A 108 9.13 3.30 -11.39
CA THR A 108 7.79 3.34 -11.99
C THR A 108 6.91 2.26 -11.36
N LEU A 109 5.61 2.34 -11.63
CA LEU A 109 4.62 1.54 -10.88
C LEU A 109 3.89 0.53 -11.79
N TRP A 110 4.46 0.28 -12.96
CA TRP A 110 3.91 -0.74 -13.87
C TRP A 110 3.82 -2.10 -13.24
N LYS A 111 4.84 -2.42 -12.46
CA LYS A 111 4.90 -3.66 -11.71
C LYS A 111 5.02 -3.31 -10.23
N ARG A 112 4.83 -4.31 -9.37
N ARG A 112 4.81 -4.31 -9.37
CA ARG A 112 5.05 -4.14 -7.94
CA ARG A 112 5.05 -4.14 -7.94
C ARG A 112 6.45 -3.56 -7.68
C ARG A 112 6.44 -3.57 -7.67
N PRO A 113 6.52 -2.47 -6.88
CA PRO A 113 7.80 -1.83 -6.55
C PRO A 113 8.56 -2.62 -5.47
N LEU A 114 9.15 -3.72 -5.91
CA LEU A 114 9.91 -4.62 -5.07
C LEU A 114 11.39 -4.30 -5.13
N VAL A 115 12.02 -4.25 -3.96
CA VAL A 115 13.43 -3.92 -3.84
C VAL A 115 14.08 -4.77 -2.78
N THR A 116 15.41 -4.81 -2.78
CA THR A 116 16.15 -5.56 -1.77
C THR A 116 16.40 -4.68 -0.56
N ILE A 117 16.23 -5.28 0.61
CA ILE A 117 16.56 -4.61 1.84
C ILE A 117 17.57 -5.45 2.59
N ARG A 118 18.37 -4.80 3.42
CA ARG A 118 19.29 -5.48 4.31
C ARG A 118 18.77 -5.25 5.71
N ILE A 119 18.51 -6.33 6.43
CA ILE A 119 17.99 -6.22 7.78
C ILE A 119 18.39 -7.42 8.62
N GLY A 120 18.88 -7.14 9.83
CA GLY A 120 19.32 -8.17 10.78
C GLY A 120 20.28 -9.19 10.18
N GLY A 121 21.13 -8.72 9.27
CA GLY A 121 22.12 -9.55 8.59
C GLY A 121 21.61 -10.44 7.47
N GLN A 122 20.37 -10.18 7.01
CA GLN A 122 19.78 -10.91 5.89
C GLN A 122 19.36 -9.95 4.77
N LEU A 123 19.34 -10.46 3.54
CA LEU A 123 18.90 -9.69 2.39
C LEU A 123 17.54 -10.24 1.99
N LYS A 124 16.55 -9.36 1.87
CA LYS A 124 15.20 -9.79 1.52
C LYS A 124 14.61 -8.89 0.44
N GLU A 125 13.60 -9.43 -0.24
CA GLU A 125 12.83 -8.65 -1.19
C GLU A 125 11.61 -8.07 -0.50
N ALA A 126 11.37 -6.76 -0.66
CA ALA A 126 10.26 -6.10 0.00
C ALA A 126 9.58 -5.06 -0.91
N LEU A 127 8.31 -4.83 -0.61
CA LEU A 127 7.41 -3.97 -1.41
C LEU A 127 7.38 -2.55 -0.84
N LEU A 128 7.77 -1.56 -1.64
CA LEU A 128 7.70 -0.16 -1.23
C LEU A 128 6.21 0.20 -1.20
N ASN A 129 5.67 0.44 -0.01
CA ASN A 129 4.23 0.52 0.18
C ASN A 129 3.82 1.83 0.84
N THR A 130 3.39 2.79 0.03
CA THR A 130 2.91 4.09 0.53
C THR A 130 1.59 3.97 1.28
N GLY A 131 0.89 2.85 1.11
CA GLY A 131 -0.33 2.56 1.88
C GLY A 131 -0.12 1.81 3.20
N ALA A 132 1.14 1.64 3.62
CA ALA A 132 1.49 1.08 4.92
C ALA A 132 2.10 2.13 5.85
N ASP A 133 1.54 2.28 7.04
CA ASP A 133 2.14 3.17 8.06
C ASP A 133 3.49 2.62 8.53
N ASP A 134 3.54 1.29 8.62
CA ASP A 134 4.60 0.55 9.28
C ASP A 134 5.22 -0.47 8.37
N THR A 135 6.37 -0.97 8.79
CA THR A 135 7.12 -1.93 8.00
C THR A 135 6.88 -3.29 8.61
N VAL A 136 6.53 -4.25 7.78
CA VAL A 136 6.12 -5.56 8.23
C VAL A 136 6.87 -6.58 7.42
N LEU A 137 7.65 -7.39 8.13
CA LEU A 137 8.47 -8.39 7.46
C LEU A 137 7.96 -9.77 7.82
N GLU A 138 8.12 -10.68 6.89
CA GLU A 138 7.75 -12.05 7.07
C GLU A 138 8.51 -12.63 8.25
N GLU A 139 7.95 -13.66 8.85
CA GLU A 139 8.57 -14.29 10.02
C GLU A 139 10.07 -14.51 9.90
N MET A 140 10.77 -14.06 10.93
CA MET A 140 12.20 -14.26 11.06
C MET A 140 12.56 -14.12 12.54
N ASN A 141 13.57 -14.86 12.97
CA ASN A 141 13.97 -14.85 14.39
C ASN A 141 15.03 -13.78 14.67
N LEU A 142 14.58 -12.55 14.77
CA LEU A 142 15.44 -11.42 15.09
C LEU A 142 15.80 -11.43 16.57
N PRO A 143 17.04 -11.08 16.89
CA PRO A 143 17.37 -10.92 18.30
C PRO A 143 16.75 -9.65 18.85
N GLY A 144 16.61 -9.58 20.16
CA GLY A 144 16.20 -8.36 20.82
C GLY A 144 14.83 -8.45 21.46
N LYS A 145 14.57 -7.43 22.26
CA LYS A 145 13.31 -7.25 22.93
C LYS A 145 12.25 -6.84 21.90
N TRP A 146 11.07 -7.41 22.06
CA TRP A 146 9.93 -7.04 21.22
C TRP A 146 8.67 -7.03 22.06
N LYS A 147 7.63 -6.39 21.54
CA LYS A 147 6.31 -6.43 22.17
C LYS A 147 5.26 -6.79 21.13
N PRO A 148 4.19 -7.48 21.56
CA PRO A 148 3.12 -7.82 20.65
C PRO A 148 2.30 -6.61 20.22
N LYS A 149 1.81 -6.69 18.99
CA LYS A 149 1.00 -5.64 18.40
C LYS A 149 0.02 -6.29 17.44
N MET A 150 -1.10 -5.62 17.19
CA MET A 150 -2.04 -6.02 16.13
C MET A 150 -2.05 -4.96 15.05
N ILE A 151 -2.01 -5.40 13.79
CA ILE A 151 -2.00 -4.49 12.65
C ILE A 151 -3.09 -4.93 11.69
N GLY A 152 -3.74 -3.98 11.05
CA GLY A 152 -4.85 -4.28 10.21
C GLY A 152 -4.68 -3.88 8.78
N GLY A 153 -5.55 -4.43 7.96
CA GLY A 153 -5.61 -4.13 6.57
C GLY A 153 -6.85 -4.72 5.95
N ILE A 154 -6.79 -4.98 4.66
N ILE A 154 -6.82 -4.87 4.64
CA ILE A 154 -8.01 -5.25 3.91
CA ILE A 154 -7.88 -5.57 3.96
C ILE A 154 -8.97 -6.31 4.50
C ILE A 154 -7.89 -6.99 4.51
N GLY A 155 -8.45 -7.48 4.87
N GLY A 155 -9.08 -7.47 4.91
CA GLY A 155 -9.29 -8.58 5.38
CA GLY A 155 -9.22 -8.82 5.44
C GLY A 155 -9.35 -8.76 6.89
C GLY A 155 -9.19 -8.89 6.96
N GLY A 156 -8.75 -7.84 7.64
CA GLY A 156 -8.71 -7.89 9.10
C GLY A 156 -7.33 -7.69 9.66
N PHE A 157 -7.09 -8.32 10.80
CA PHE A 157 -5.84 -8.10 11.56
C PHE A 157 -4.97 -9.35 11.64
N ILE A 158 -3.67 -9.09 11.79
CA ILE A 158 -2.68 -10.10 12.16
C ILE A 158 -1.92 -9.66 13.39
N LYS A 159 -1.48 -10.63 14.18
CA LYS A 159 -0.64 -10.42 15.36
C LYS A 159 0.82 -10.36 14.91
N VAL A 160 1.55 -9.33 15.34
CA VAL A 160 2.97 -9.21 14.98
C VAL A 160 3.85 -8.90 16.20
N ARG A 161 5.16 -9.08 16.03
CA ARG A 161 6.16 -8.67 17.01
C ARG A 161 6.80 -7.37 16.59
N GLN A 162 6.74 -6.38 17.48
CA GLN A 162 7.32 -5.06 17.25
C GLN A 162 8.73 -4.99 17.80
N TYR A 163 9.71 -4.83 16.91
CA TYR A 163 11.10 -4.54 17.29
C TYR A 163 11.41 -3.08 17.00
N ASP A 164 12.11 -2.41 17.93
CA ASP A 164 12.44 -0.99 17.77
C ASP A 164 13.92 -0.78 17.47
N GLN A 165 14.21 0.38 16.87
CA GLN A 165 15.58 0.79 16.57
C GLN A 165 16.39 -0.28 15.84
N ILE A 166 15.78 -0.86 14.80
N ILE A 166 15.79 -0.88 14.82
CA ILE A 166 16.40 -1.88 13.97
CA ILE A 166 16.51 -1.87 14.05
C ILE A 166 17.04 -1.23 12.73
C ILE A 166 17.04 -1.27 12.75
N PRO A 167 18.37 -1.33 12.58
CA PRO A 167 19.01 -0.79 11.37
C PRO A 167 18.61 -1.57 10.12
N VAL A 168 18.25 -0.83 9.07
CA VAL A 168 17.88 -1.44 7.81
C VAL A 168 18.71 -0.69 6.75
N GLU A 169 18.87 -1.31 5.58
CA GLU A 169 19.42 -0.60 4.42
C GLU A 169 18.53 -0.95 3.23
N ILE A 170 18.06 0.09 2.54
CA ILE A 170 17.15 -0.06 1.41
C ILE A 170 17.70 0.71 0.22
N LEU A 171 17.95 -0.02 -0.87
CA LEU A 171 18.49 0.57 -2.09
C LEU A 171 19.76 1.38 -1.80
N GLY A 172 20.61 0.90 -0.89
CA GLY A 172 21.84 1.59 -0.53
C GLY A 172 21.69 2.73 0.45
N HIS A 173 20.47 2.95 0.95
CA HIS A 173 20.20 4.03 1.90
C HIS A 173 20.01 3.46 3.28
N LYS A 174 20.64 4.09 4.28
CA LYS A 174 20.56 3.60 5.65
C LYS A 174 19.34 4.16 6.35
N ALA A 175 18.70 3.31 7.16
CA ALA A 175 17.55 3.70 7.95
C ALA A 175 17.64 2.97 9.29
N ILE A 176 16.83 3.38 10.24
CA ILE A 176 16.82 2.74 11.55
C ILE A 176 15.48 3.04 12.15
N GLY A 177 14.76 1.99 12.48
CA GLY A 177 13.40 2.18 12.94
C GLY A 177 12.72 0.93 13.41
N THR A 178 11.41 1.08 13.62
CA THR A 178 10.58 -0.03 14.06
C THR A 178 10.29 -0.98 12.90
N VAL A 179 10.43 -2.27 13.18
CA VAL A 179 10.12 -3.30 12.21
C VAL A 179 9.15 -4.28 12.88
N LEU A 180 8.05 -4.60 12.19
CA LEU A 180 7.05 -5.54 12.74
C LEU A 180 7.27 -6.85 12.05
N VAL A 181 7.23 -7.95 12.81
CA VAL A 181 7.49 -9.25 12.23
C VAL A 181 6.31 -10.16 12.48
N GLY A 182 5.83 -10.78 11.41
CA GLY A 182 4.70 -11.68 11.53
C GLY A 182 4.30 -12.26 10.21
N PRO A 183 3.16 -12.99 10.19
CA PRO A 183 2.74 -13.79 9.03
C PRO A 183 2.10 -12.95 7.92
N THR A 184 2.87 -12.01 7.40
CA THR A 184 2.45 -11.25 6.23
C THR A 184 2.77 -12.05 4.97
N PRO A 185 1.85 -12.03 3.98
CA PRO A 185 2.10 -12.67 2.69
C PRO A 185 3.23 -12.04 1.88
N VAL A 186 3.51 -10.74 2.10
CA VAL A 186 4.58 -10.03 1.42
C VAL A 186 5.35 -9.14 2.40
N ASN A 187 6.68 -9.10 2.27
CA ASN A 187 7.48 -8.16 3.04
C ASN A 187 7.13 -6.75 2.59
N ILE A 188 6.83 -5.87 3.56
CA ILE A 188 6.36 -4.53 3.28
C ILE A 188 7.22 -3.45 3.93
N ILE A 189 7.72 -2.52 3.13
CA ILE A 189 8.39 -1.33 3.62
C ILE A 189 7.38 -0.19 3.68
N GLY A 190 7.07 0.26 4.89
CA GLY A 190 6.10 1.30 5.09
C GLY A 190 6.69 2.67 5.27
N ARG A 191 5.81 3.65 5.46
CA ARG A 191 6.22 5.05 5.49
C ARG A 191 7.23 5.36 6.59
N ASN A 192 7.22 4.61 7.69
CA ASN A 192 8.21 4.90 8.75
C ASN A 192 9.66 4.85 8.27
N LEU A 193 9.94 3.97 7.32
CA LEU A 193 11.25 3.83 6.74
C LEU A 193 11.35 4.56 5.39
N LEU A 194 10.28 4.58 4.60
CA LEU A 194 10.32 5.35 3.34
C LEU A 194 10.70 6.81 3.54
N THR A 195 10.19 7.44 4.59
CA THR A 195 10.57 8.83 4.88
C THR A 195 12.06 8.95 5.19
N GLN A 196 12.63 7.94 5.85
CA GLN A 196 14.04 7.96 6.24
C GLN A 196 15.03 7.88 5.07
N ILE A 197 14.66 7.15 4.01
CA ILE A 197 15.51 7.03 2.81
C ILE A 197 15.17 8.07 1.73
N GLY A 198 14.27 9.00 2.05
CA GLY A 198 13.94 10.13 1.21
C GLY A 198 13.03 9.86 0.05
N MET A 199 12.17 8.85 0.19
CA MET A 199 11.28 8.48 -0.89
C MET A 199 10.07 9.41 -0.94
N THR A 200 9.66 9.78 -2.14
CA THR A 200 8.45 10.58 -2.37
C THR A 200 7.64 10.01 -3.51
N LEU A 201 6.39 10.45 -3.60
CA LEU A 201 5.56 10.22 -4.78
C LEU A 201 5.61 11.45 -5.65
N ASN A 202 5.66 11.25 -6.96
CA ASN A 202 5.80 12.37 -7.90
C ASN A 202 4.95 12.14 -9.13
N PHE A 203 4.42 13.20 -9.71
CA PHE A 203 3.71 13.09 -10.99
C PHE A 203 3.81 14.37 -11.78
N ALA B 1 -0.75 1.83 12.24
CA ALA B 1 -0.95 0.36 12.22
C ALA B 1 -1.93 -0.08 11.13
N THR B 2 -2.05 0.71 10.08
CA THR B 2 -2.84 0.29 8.95
C THR B 2 -1.89 -0.01 7.75
N ILE B 3 -2.01 -1.22 7.27
CA ILE B 3 -1.12 -1.78 6.27
C ILE B 3 -1.98 -2.17 5.06
N MET B 4 -2.13 -1.25 4.12
N MET B 4 -2.13 -1.24 4.12
CA MET B 4 -3.06 -1.47 3.03
CA MET B 4 -3.06 -1.44 3.01
C MET B 4 -2.45 -2.13 1.79
C MET B 4 -2.47 -2.14 1.79
N MET B 5 -1.57 -3.10 1.98
CA MET B 5 -1.16 -3.94 0.87
C MET B 5 -2.39 -4.63 0.26
N GLN B 6 -2.43 -4.70 -1.06
CA GLN B 6 -3.52 -5.41 -1.76
C GLN B 6 -3.01 -6.08 -3.04
N ARG B 7 -3.43 -7.32 -3.22
CA ARG B 7 -2.98 -8.14 -4.32
C ARG B 7 -4.19 -8.68 -5.09
N GLY B 8 -4.13 -8.56 -6.41
CA GLY B 8 -5.19 -9.05 -7.30
C GLY B 8 -4.64 -10.12 -8.22
C1 GOL C . 4.51 6.28 9.40
O1 GOL C . 4.27 5.40 10.50
C2 GOL C . 4.78 7.68 9.92
O2 GOL C . 3.60 8.48 9.74
C3 GOL C . 5.98 8.31 9.21
O3 GOL C . 6.61 9.27 10.05
C1 EDO D . -7.11 -1.41 -15.63
O1 EDO D . -7.71 -0.57 -14.65
C2 EDO D . -7.48 -2.87 -15.42
O2 EDO D . -6.95 -3.36 -14.17
S DMS E . -2.46 10.76 8.72
O DMS E . -2.94 10.67 10.13
C1 DMS E . -2.79 12.33 8.14
C2 DMS E . -0.76 10.73 8.77
C1 GOL F . 0.20 -1.61 -13.73
O1 GOL F . 0.46 -2.03 -15.08
C2 GOL F . -1.16 -2.06 -13.18
O2 GOL F . -2.17 -2.07 -14.21
C3 GOL F . -1.10 -3.44 -12.52
O3 GOL F . -2.06 -3.49 -11.44
C ACT G . 12.49 -13.01 -0.34
O ACT G . 11.55 -13.64 0.20
OXT ACT G . 12.97 -11.98 0.18
CH3 ACT G . 13.05 -13.51 -1.64
C1 BME H . 3.71 -7.02 -10.84
C2 BME H . 4.19 -8.44 -10.60
O1 BME H . 2.51 -6.99 -11.61
S2 BME H . 5.78 -8.37 -9.74
#